data_8VXM
#
_entry.id   8VXM
#
_cell.length_a   48.800
_cell.length_b   88.740
_cell.length_c   134.910
_cell.angle_alpha   90.000
_cell.angle_beta   90.000
_cell.angle_gamma   90.000
#
_symmetry.space_group_name_H-M   'P 21 21 21'
#
loop_
_entity.id
_entity.type
_entity.pdbx_description
1 polymer 'Maltose/maltodextrin-binding periplasmic protein fused to apoptosis regulator Bcl-2/Bcl-xL chimera'
2 non-polymer ~{N}-(4-hydroxyphenyl)-3-[6-[[(3~{S})-3-(morpholin-4-ylmethyl)-3,4-dihydro-1~{H}-isoquinolin-2-yl]carbonyl]-1,3-benzodioxol-5-yl]-~{N}-phenyl-5,6,7,8-tetrahydroindolizine-1-carboxamide
3 non-polymer DI(HYDROXYETHYL)ETHER
4 water water
#
_entity_poly.entity_id   1
_entity_poly.type   'polypeptide(L)'
_entity_poly.pdbx_seq_one_letter_code
;MHHHHHHHHHHENLYFQGKIEEGKLVIWINGDKGYNGLAEVGKKFEKDTGIKVTVEHPDKLEEKFPQVAATGDGPDIIFW
AHDRFGGYAQSGLLAEITPAAAFQDKLYPFTWDAVRYNGKLIAYPIAVEALSLIYNKDLLPNPPKTWEEIPALDKELKAK
GKSALMFNLQEPYFTWPLIAADGGYAFKYAAGKYDIKDVGVDNAGAKAGLTFLVDLIKNKHMNADTDYSIAEAAFNKGET
AMTINGPWAWSNIDTSAVNYGVTVLPTFKGQPSKPFVGVLSAGINAASPNKELAKEFLENYLLTDEGLEAVNKDKPLGAV
ALKSYEEELAKDPRIAATMENAQKGEIMPNIPQMSAFWYAVRTAVINAASGRQTVDEALKDAQTAARAAADNREIVMKYI
HYKLSQRGYEWDAGDDVEENRTEAPEGTESEVVHLTLRQAGDDFSRRYRRDFAEMSSQLHLTPFTARGRFATVVEELFRD
GVNWGRIVAFFEFGGVMCVESVNREMSPLVDNIALWMTEYLNRHLHTWIQDNGGWDAFVELYGPSMR
;
_entity_poly.pdbx_strand_id   A
#
loop_
_chem_comp.id
_chem_comp.type
_chem_comp.name
_chem_comp.formula
F3Q non-polymer ~{N}-(4-hydroxyphenyl)-3-[6-[[(3~{S})-3-(morpholin-4-ylmethyl)-3,4-dihydro-1~{H}-isoquinolin-2-yl]carbonyl]-1,3-benzodioxol-5-yl]-~{N}-phenyl-5,6,7,8-tetrahydroindolizine-1-carboxamide 'C43 H42 N4 O6'
PEG non-polymer DI(HYDROXYETHYL)ETHER 'C4 H10 O3'
#
# COMPACT_ATOMS: atom_id res chain seq x y z
N LYS A 19 4.23 27.86 -3.70
CA LYS A 19 5.68 27.80 -3.89
C LYS A 19 6.38 27.37 -2.61
N ILE A 20 7.34 26.46 -2.74
CA ILE A 20 8.12 26.00 -1.60
C ILE A 20 9.28 26.97 -1.38
N GLU A 21 9.50 27.35 -0.12
CA GLU A 21 10.51 28.34 0.19
C GLU A 21 11.90 27.79 -0.06
N GLU A 22 12.72 28.56 -0.79
CA GLU A 22 14.11 28.21 -1.04
C GLU A 22 15.00 28.71 0.09
N GLY A 23 15.98 27.91 0.47
CA GLY A 23 16.90 28.25 1.53
C GLY A 23 16.70 27.46 2.81
N LYS A 24 15.58 26.75 2.95
CA LYS A 24 15.32 25.93 4.12
C LYS A 24 14.73 24.60 3.67
N LEU A 25 14.78 23.62 4.57
CA LEU A 25 14.27 22.28 4.31
C LEU A 25 13.10 21.99 5.23
N VAL A 26 11.94 21.71 4.64
CA VAL A 26 10.75 21.30 5.37
C VAL A 26 10.58 19.80 5.21
N ILE A 27 10.48 19.09 6.32
CA ILE A 27 10.46 17.63 6.33
C ILE A 27 9.18 17.16 7.01
N TRP A 28 8.46 16.25 6.35
CA TRP A 28 7.26 15.65 6.90
C TRP A 28 7.53 14.19 7.23
N ILE A 29 7.13 13.77 8.44
CA ILE A 29 7.27 12.40 8.89
C ILE A 29 6.14 12.10 9.85
N ASN A 30 5.71 10.84 9.90
CA ASN A 30 4.52 10.49 10.66
C ASN A 30 4.79 10.69 12.15
N GLY A 31 3.71 10.90 12.91
CA GLY A 31 3.84 11.22 14.32
C GLY A 31 4.33 10.06 15.16
N ASP A 32 4.11 8.84 14.69
CA ASP A 32 4.54 7.67 15.42
C ASP A 32 6.03 7.38 15.21
N LYS A 33 6.75 8.25 14.53
CA LYS A 33 8.18 8.10 14.32
C LYS A 33 8.94 9.01 15.27
N GLY A 34 10.26 8.89 15.24
CA GLY A 34 11.11 9.72 16.07
C GLY A 34 11.37 11.08 15.47
N TYR A 35 10.34 11.92 15.41
CA TYR A 35 10.49 13.22 14.78
C TYR A 35 11.33 14.17 15.64
N ASN A 36 11.30 14.00 16.96
CA ASN A 36 12.16 14.82 17.82
C ASN A 36 13.64 14.48 17.57
N GLY A 37 13.94 13.20 17.41
CA GLY A 37 15.31 12.82 17.06
C GLY A 37 15.71 13.28 15.67
N LEU A 38 14.77 13.19 14.72
CA LEU A 38 15.03 13.73 13.38
C LEU A 38 15.24 15.24 13.44
N ALA A 39 14.55 15.94 14.35
CA ALA A 39 14.78 17.36 14.52
C ALA A 39 16.19 17.64 15.01
N GLU A 40 16.78 16.72 15.78
CA GLU A 40 18.15 16.88 16.22
C GLU A 40 19.12 16.86 15.05
N VAL A 41 18.91 15.95 14.10
CA VAL A 41 19.74 15.89 12.90
C VAL A 41 19.62 17.19 12.11
N GLY A 42 18.40 17.73 12.02
CA GLY A 42 18.22 19.00 11.34
C GLY A 42 18.91 20.14 12.05
N LYS A 43 18.93 20.10 13.38
CA LYS A 43 19.64 21.13 14.14
C LYS A 43 21.15 21.05 13.90
N LYS A 44 21.69 19.83 13.84
CA LYS A 44 23.11 19.67 13.52
C LYS A 44 23.42 20.16 12.11
N PHE A 45 22.51 19.89 11.17
CA PHE A 45 22.67 20.39 9.82
C PHE A 45 22.59 21.91 9.78
N GLU A 46 21.65 22.50 10.54
CA GLU A 46 21.57 23.94 10.61
C GLU A 46 22.78 24.54 11.31
N LYS A 47 23.33 23.84 12.30
CA LYS A 47 24.49 24.35 13.00
C LYS A 47 25.72 24.41 12.09
N ASP A 48 25.87 23.42 11.20
CA ASP A 48 27.04 23.37 10.34
C ASP A 48 26.91 24.30 9.12
N THR A 49 25.72 24.35 8.52
CA THR A 49 25.54 25.04 7.25
C THR A 49 24.62 26.25 7.32
N GLY A 50 23.99 26.52 8.45
CA GLY A 50 23.05 27.62 8.53
C GLY A 50 21.73 27.39 7.84
N ILE A 51 21.52 26.23 7.22
CA ILE A 51 20.27 25.93 6.54
C ILE A 51 19.24 25.51 7.57
N LYS A 52 18.17 26.30 7.69
CA LYS A 52 17.12 26.01 8.66
C LYS A 52 16.35 24.76 8.23
N VAL A 53 16.18 23.82 9.16
CA VAL A 53 15.48 22.57 8.92
C VAL A 53 14.30 22.50 9.88
N THR A 54 13.10 22.31 9.32
CA THR A 54 11.88 22.25 10.10
C THR A 54 11.21 20.90 9.87
N VAL A 55 11.06 20.12 10.95
CA VAL A 55 10.42 18.81 10.89
C VAL A 55 8.99 18.95 11.40
N GLU A 56 8.03 18.45 10.63
CA GLU A 56 6.63 18.50 10.99
C GLU A 56 6.03 17.11 10.87
N HIS A 57 4.97 16.87 11.65
CA HIS A 57 4.25 15.59 11.64
C HIS A 57 2.76 15.86 11.47
N PRO A 58 2.32 16.21 10.26
CA PRO A 58 0.90 16.48 10.05
C PRO A 58 0.06 15.21 10.11
N ASP A 59 -1.15 15.35 10.64
CA ASP A 59 -2.07 14.24 10.69
C ASP A 59 -2.48 13.83 9.28
N LYS A 60 -2.48 12.53 9.00
CA LYS A 60 -2.86 11.98 7.70
C LYS A 60 -2.02 12.58 6.58
N LEU A 61 -0.70 12.61 6.79
CA LEU A 61 0.19 13.20 5.79
C LEU A 61 0.35 12.34 4.56
N GLU A 62 -0.02 11.05 4.62
CA GLU A 62 0.02 10.21 3.43
C GLU A 62 -1.05 10.61 2.42
N GLU A 63 -2.13 11.23 2.89
CA GLU A 63 -3.12 11.85 2.00
C GLU A 63 -2.89 13.35 1.83
N LYS A 64 -2.26 13.99 2.83
CA LYS A 64 -2.02 15.43 2.74
C LYS A 64 -0.90 15.76 1.76
N PHE A 65 0.10 14.88 1.65
CA PHE A 65 1.23 15.17 0.75
C PHE A 65 0.82 15.19 -0.71
N PRO A 66 0.17 14.16 -1.27
CA PRO A 66 -0.21 14.24 -2.69
C PRO A 66 -1.15 15.37 -3.01
N GLN A 67 -1.90 15.87 -2.02
CA GLN A 67 -2.80 16.99 -2.27
C GLN A 67 -2.01 18.29 -2.42
N VAL A 68 -1.07 18.55 -1.51
CA VAL A 68 -0.29 19.78 -1.60
C VAL A 68 0.74 19.67 -2.73
N ALA A 69 1.27 18.47 -2.98
CA ALA A 69 2.25 18.29 -4.04
C ALA A 69 1.63 18.38 -5.43
N ALA A 70 0.32 18.16 -5.54
CA ALA A 70 -0.33 18.22 -6.84
C ALA A 70 -0.32 19.62 -7.43
N THR A 71 -0.17 20.64 -6.60
CA THR A 71 -0.08 22.03 -7.05
C THR A 71 1.34 22.58 -6.92
N GLY A 72 2.33 21.71 -6.76
CA GLY A 72 3.70 22.16 -6.64
C GLY A 72 4.08 22.70 -5.28
N ASP A 73 3.29 22.42 -4.25
CA ASP A 73 3.56 22.89 -2.89
C ASP A 73 3.96 21.71 -2.01
N GLY A 74 4.07 21.98 -0.71
CA GLY A 74 4.36 20.94 0.26
C GLY A 74 5.78 20.96 0.76
N PRO A 75 6.17 19.90 1.47
CA PRO A 75 7.51 19.86 2.05
C PRO A 75 8.57 19.53 1.01
N ASP A 76 9.83 19.67 1.43
CA ASP A 76 10.94 19.28 0.57
C ASP A 76 11.19 17.77 0.62
N ILE A 77 11.00 17.16 1.78
CA ILE A 77 11.27 15.74 2.01
C ILE A 77 10.05 15.13 2.67
N ILE A 78 9.64 13.96 2.16
CA ILE A 78 8.50 13.22 2.69
C ILE A 78 8.98 11.85 3.16
N PHE A 79 8.65 11.49 4.40
CA PHE A 79 8.98 10.19 4.97
C PHE A 79 7.71 9.33 5.00
N TRP A 80 7.79 8.14 4.40
CA TRP A 80 6.69 7.19 4.44
C TRP A 80 7.20 5.85 3.92
N ALA A 81 6.40 4.81 4.13
CA ALA A 81 6.73 3.50 3.58
C ALA A 81 6.82 3.58 2.06
N HIS A 82 7.67 2.71 1.49
CA HIS A 82 7.97 2.74 0.07
C HIS A 82 6.74 2.45 -0.81
N ASP A 83 5.74 1.75 -0.26
CA ASP A 83 4.63 1.28 -1.09
C ASP A 83 3.84 2.44 -1.68
N ARG A 84 3.68 3.53 -0.92
CA ARG A 84 2.95 4.69 -1.42
C ARG A 84 3.75 5.51 -2.42
N PHE A 85 5.07 5.33 -2.46
CA PHE A 85 5.90 6.18 -3.31
C PHE A 85 5.79 5.83 -4.79
N GLY A 86 5.36 4.61 -5.12
CA GLY A 86 5.14 4.28 -6.51
C GLY A 86 4.04 5.12 -7.13
N GLY A 87 2.90 5.23 -6.43
CA GLY A 87 1.83 6.10 -6.91
C GLY A 87 2.24 7.56 -6.92
N TYR A 88 3.05 7.97 -5.93
CA TYR A 88 3.57 9.34 -5.92
C TYR A 88 4.42 9.60 -7.16
N ALA A 89 5.32 8.66 -7.48
CA ALA A 89 6.23 8.88 -8.60
C ALA A 89 5.51 8.81 -9.94
N GLN A 90 4.48 7.96 -10.06
CA GLN A 90 3.72 7.89 -11.30
C GLN A 90 3.06 9.22 -11.63
N SER A 91 2.50 9.88 -10.62
CA SER A 91 1.88 11.19 -10.82
C SER A 91 2.89 12.33 -10.85
N GLY A 92 4.18 12.04 -10.78
CA GLY A 92 5.21 13.06 -10.90
C GLY A 92 5.44 13.90 -9.68
N LEU A 93 5.21 13.34 -8.49
CA LEU A 93 5.37 14.10 -7.25
C LEU A 93 6.77 13.99 -6.66
N LEU A 94 7.53 12.95 -7.01
CA LEU A 94 8.85 12.73 -6.43
C LEU A 94 9.93 12.97 -7.48
N ALA A 95 11.06 13.50 -7.04
CA ALA A 95 12.21 13.69 -7.90
C ALA A 95 13.08 12.43 -7.88
N GLU A 96 13.78 12.21 -8.99
CA GLU A 96 14.69 11.06 -9.09
C GLU A 96 15.98 11.38 -8.36
N ILE A 97 16.26 10.61 -7.31
CA ILE A 97 17.51 10.78 -6.58
C ILE A 97 18.65 10.18 -7.39
N THR A 98 19.83 10.76 -7.25
CA THR A 98 21.02 10.33 -7.98
C THR A 98 22.17 10.11 -7.01
N PRO A 99 22.15 8.98 -6.28
CA PRO A 99 23.25 8.70 -5.35
C PRO A 99 24.41 8.02 -6.07
N ALA A 100 25.62 8.38 -5.66
CA ALA A 100 26.80 7.77 -6.23
C ALA A 100 26.87 6.28 -5.85
N ALA A 101 27.64 5.53 -6.64
CA ALA A 101 27.77 4.10 -6.38
C ALA A 101 28.43 3.83 -5.04
N ALA A 102 29.30 4.73 -4.58
CA ALA A 102 29.93 4.55 -3.27
C ALA A 102 28.92 4.70 -2.14
N PHE A 103 27.89 5.52 -2.33
CA PHE A 103 26.87 5.67 -1.31
C PHE A 103 25.85 4.55 -1.37
N GLN A 104 25.51 4.08 -2.58
CA GLN A 104 24.54 3.00 -2.69
C GLN A 104 25.06 1.71 -2.05
N ASP A 105 26.37 1.51 -2.05
CA ASP A 105 26.94 0.33 -1.40
C ASP A 105 26.81 0.37 0.11
N LYS A 106 26.59 1.55 0.70
CA LYS A 106 26.44 1.67 2.14
C LYS A 106 25.10 1.14 2.63
N LEU A 107 24.14 0.91 1.75
CA LEU A 107 22.83 0.39 2.12
C LEU A 107 22.64 -0.99 1.50
N TYR A 108 21.73 -1.76 2.09
CA TYR A 108 21.45 -3.09 1.58
C TYR A 108 20.81 -2.99 0.21
N PRO A 109 21.25 -3.82 -0.75
CA PRO A 109 20.73 -3.70 -2.12
C PRO A 109 19.23 -3.87 -2.24
N PHE A 110 18.62 -4.77 -1.44
CA PHE A 110 17.19 -4.99 -1.56
C PHE A 110 16.39 -3.78 -1.11
N THR A 111 16.95 -2.93 -0.24
CA THR A 111 16.26 -1.71 0.14
C THR A 111 16.19 -0.72 -1.01
N TRP A 112 17.21 -0.70 -1.87
CA TRP A 112 17.14 0.14 -3.07
C TRP A 112 16.09 -0.38 -4.05
N ASP A 113 15.85 -1.69 -4.07
CA ASP A 113 14.81 -2.24 -4.93
C ASP A 113 13.42 -1.75 -4.50
N ALA A 114 13.22 -1.49 -3.21
CA ALA A 114 11.93 -1.03 -2.72
C ALA A 114 11.63 0.40 -3.15
N VAL A 115 12.65 1.19 -3.51
CA VAL A 115 12.46 2.58 -3.87
C VAL A 115 12.76 2.82 -5.35
N ARG A 116 12.73 1.77 -6.17
CA ARG A 116 12.95 1.89 -7.60
C ARG A 116 11.61 1.75 -8.31
N TYR A 117 11.24 2.75 -9.10
CA TYR A 117 10.00 2.75 -9.84
C TYR A 117 10.29 3.13 -11.29
N ASN A 118 9.86 2.28 -12.22
CA ASN A 118 10.07 2.49 -13.66
C ASN A 118 11.55 2.66 -13.99
N GLY A 119 12.39 1.90 -13.29
CA GLY A 119 13.83 1.93 -13.51
C GLY A 119 14.53 3.13 -12.94
N LYS A 120 13.89 3.89 -12.05
CA LYS A 120 14.50 5.07 -11.46
C LYS A 120 14.34 5.03 -9.94
N LEU A 121 15.39 5.42 -9.23
CA LEU A 121 15.33 5.56 -7.79
C LEU A 121 14.60 6.86 -7.43
N ILE A 122 13.60 6.75 -6.54
CA ILE A 122 12.73 7.88 -6.22
C ILE A 122 12.73 8.20 -4.73
N ALA A 123 13.56 7.53 -3.93
CA ALA A 123 13.60 7.77 -2.49
C ALA A 123 14.84 7.12 -1.91
N TYR A 124 15.21 7.57 -0.71
CA TYR A 124 16.31 6.99 0.07
C TYR A 124 15.76 6.01 1.08
N PRO A 125 16.21 4.76 1.08
CA PRO A 125 15.76 3.82 2.11
C PRO A 125 16.30 4.22 3.48
N ILE A 126 15.45 4.07 4.50
CA ILE A 126 15.81 4.46 5.85
C ILE A 126 15.76 3.25 6.77
N ALA A 127 14.58 2.64 6.90
CA ALA A 127 14.37 1.54 7.83
C ALA A 127 13.66 0.39 7.13
N VAL A 128 13.77 -0.79 7.73
CA VAL A 128 13.15 -2.01 7.22
C VAL A 128 12.23 -2.54 8.31
N GLU A 129 11.02 -2.93 7.93
CA GLU A 129 9.98 -3.32 8.87
C GLU A 129 9.21 -4.51 8.33
N ALA A 130 9.04 -5.54 9.16
CA ALA A 130 8.31 -6.73 8.75
C ALA A 130 7.77 -7.43 9.99
N LEU A 131 6.82 -8.34 9.77
CA LEU A 131 6.23 -9.09 10.86
C LEU A 131 7.22 -10.11 11.41
N SER A 132 7.09 -10.41 12.70
CA SER A 132 7.92 -11.40 13.37
C SER A 132 7.07 -12.18 14.35
N LEU A 133 7.64 -13.28 14.86
CA LEU A 133 7.00 -14.10 15.87
C LEU A 133 7.37 -13.57 17.25
N ILE A 134 6.38 -13.08 17.98
CA ILE A 134 6.56 -12.55 19.33
C ILE A 134 6.05 -13.60 20.31
N TYR A 135 6.92 -14.06 21.20
CA TYR A 135 6.60 -15.14 22.12
C TYR A 135 6.83 -14.72 23.56
N ASN A 136 6.05 -15.32 24.46
CA ASN A 136 6.18 -15.08 25.89
C ASN A 136 7.24 -16.02 26.44
N LYS A 137 8.37 -15.46 26.88
CA LYS A 137 9.48 -16.28 27.34
C LYS A 137 9.16 -17.08 28.58
N ASP A 138 8.17 -16.65 29.38
CA ASP A 138 7.78 -17.43 30.55
C ASP A 138 6.97 -18.66 30.13
N LEU A 139 5.87 -18.45 29.43
CA LEU A 139 5.03 -19.57 29.01
C LEU A 139 5.71 -20.44 27.97
N LEU A 140 6.61 -19.86 27.18
CA LEU A 140 7.23 -20.57 26.06
C LEU A 140 8.69 -20.15 25.95
N PRO A 141 9.60 -20.83 26.64
CA PRO A 141 11.01 -20.45 26.56
C PRO A 141 11.61 -20.68 25.18
N ASN A 142 11.29 -21.81 24.54
CA ASN A 142 11.80 -22.11 23.21
C ASN A 142 10.67 -22.03 22.21
N PRO A 143 10.63 -21.00 21.35
CA PRO A 143 9.51 -20.86 20.42
C PRO A 143 9.56 -21.92 19.34
N PRO A 144 8.42 -22.34 18.81
CA PRO A 144 8.43 -23.37 17.76
C PRO A 144 9.00 -22.83 16.46
N LYS A 145 9.72 -23.70 15.76
CA LYS A 145 10.34 -23.34 14.48
C LYS A 145 9.44 -23.60 13.28
N THR A 146 8.38 -24.39 13.45
CA THR A 146 7.50 -24.74 12.34
C THR A 146 6.06 -24.47 12.73
N TRP A 147 5.23 -24.17 11.72
CA TRP A 147 3.80 -24.02 11.95
C TRP A 147 3.16 -25.35 12.38
N GLU A 148 3.70 -26.47 11.90
CA GLU A 148 3.03 -27.76 12.08
C GLU A 148 3.04 -28.22 13.53
N GLU A 149 4.01 -27.76 14.33
CA GLU A 149 4.09 -28.17 15.73
C GLU A 149 3.31 -27.25 16.65
N ILE A 150 2.53 -26.32 16.11
CA ILE A 150 1.74 -25.38 16.90
C ILE A 150 0.48 -26.06 17.45
N PRO A 151 -0.25 -26.87 16.68
CA PRO A 151 -1.38 -27.59 17.28
C PRO A 151 -1.02 -28.39 18.52
N ALA A 152 0.05 -29.19 18.46
CA ALA A 152 0.47 -29.95 19.62
C ALA A 152 0.90 -29.03 20.76
N LEU A 153 1.51 -27.89 20.43
CA LEU A 153 1.87 -26.91 21.46
C LEU A 153 0.63 -26.29 22.09
N ASP A 154 -0.44 -26.10 21.31
CA ASP A 154 -1.67 -25.53 21.87
C ASP A 154 -2.36 -26.50 22.81
N LYS A 155 -2.28 -27.81 22.54
CA LYS A 155 -2.95 -28.78 23.39
C LYS A 155 -2.37 -28.78 24.80
N GLU A 156 -1.06 -28.56 24.92
CA GLU A 156 -0.43 -28.52 26.24
C GLU A 156 -0.74 -27.22 26.96
N LEU A 157 -0.83 -26.11 26.23
CA LEU A 157 -1.12 -24.83 26.87
C LEU A 157 -2.58 -24.72 27.30
N LYS A 158 -3.49 -25.35 26.54
CA LYS A 158 -4.91 -25.32 26.92
C LYS A 158 -5.14 -26.02 28.25
N ALA A 159 -4.28 -26.97 28.61
CA ALA A 159 -4.38 -27.64 29.90
C ALA A 159 -3.99 -26.74 31.06
N LYS A 160 -3.40 -25.58 30.79
CA LYS A 160 -3.03 -24.62 31.82
C LYS A 160 -3.82 -23.32 31.71
N GLY A 161 -4.83 -23.28 30.86
CA GLY A 161 -5.62 -22.08 30.66
C GLY A 161 -5.06 -21.09 29.67
N LYS A 162 -4.04 -21.47 28.91
CA LYS A 162 -3.41 -20.60 27.93
C LYS A 162 -3.65 -21.14 26.52
N SER A 163 -3.22 -20.35 25.54
CA SER A 163 -3.30 -20.75 24.14
C SER A 163 -1.95 -20.53 23.48
N ALA A 164 -1.77 -21.17 22.32
CA ALA A 164 -0.48 -21.12 21.64
C ALA A 164 -0.30 -19.80 20.89
N LEU A 165 -1.20 -19.51 19.95
CA LEU A 165 -1.03 -18.40 19.04
C LEU A 165 -2.33 -17.63 18.88
N MET A 166 -2.24 -16.30 18.91
CA MET A 166 -3.36 -15.42 18.64
C MET A 166 -2.84 -14.19 17.91
N PHE A 167 -3.26 -14.01 16.66
CA PHE A 167 -2.89 -12.84 15.87
C PHE A 167 -4.09 -12.40 15.03
N ASN A 168 -3.94 -11.24 14.40
CA ASN A 168 -5.04 -10.62 13.68
C ASN A 168 -5.40 -11.45 12.45
N LEU A 169 -6.61 -11.99 12.43
CA LEU A 169 -7.10 -12.79 11.32
C LEU A 169 -8.04 -12.01 10.41
N GLN A 170 -8.32 -10.74 10.71
CA GLN A 170 -9.24 -9.96 9.91
C GLN A 170 -8.55 -9.21 8.77
N GLU A 171 -7.25 -8.93 8.89
CA GLU A 171 -6.51 -8.27 7.83
C GLU A 171 -5.54 -9.24 7.18
N PRO A 172 -5.54 -9.34 5.85
CA PRO A 172 -4.66 -10.31 5.18
C PRO A 172 -3.17 -10.01 5.31
N TYR A 173 -2.80 -8.81 5.75
CA TYR A 173 -1.38 -8.50 5.95
C TYR A 173 -0.75 -9.42 6.98
N PHE A 174 -1.53 -9.88 7.96
CA PHE A 174 -1.00 -10.72 9.03
C PHE A 174 -1.05 -12.21 8.69
N THR A 175 -1.99 -12.62 7.84
CA THR A 175 -2.10 -14.03 7.46
C THR A 175 -1.34 -14.36 6.17
N TRP A 176 -0.92 -13.35 5.42
CA TRP A 176 -0.23 -13.61 4.15
C TRP A 176 1.09 -14.35 4.28
N PRO A 177 1.94 -14.11 5.30
CA PRO A 177 3.21 -14.86 5.38
C PRO A 177 3.01 -16.37 5.39
N LEU A 178 1.93 -16.88 6.00
CA LEU A 178 1.66 -18.31 5.95
C LEU A 178 1.10 -18.72 4.59
N ILE A 179 0.27 -17.87 3.99
CA ILE A 179 -0.32 -18.19 2.70
C ILE A 179 0.74 -18.20 1.61
N ALA A 180 1.69 -17.27 1.66
CA ALA A 180 2.71 -17.14 0.63
C ALA A 180 3.87 -18.11 0.82
N ALA A 181 3.90 -18.86 1.92
CA ALA A 181 5.07 -19.68 2.23
C ALA A 181 5.28 -20.77 1.19
N ASP A 182 4.21 -21.45 0.79
CA ASP A 182 4.31 -22.59 -0.11
C ASP A 182 4.23 -22.20 -1.58
N GLY A 183 4.18 -20.91 -1.91
CA GLY A 183 4.20 -20.51 -3.29
C GLY A 183 3.24 -19.40 -3.67
N GLY A 184 2.48 -18.90 -2.70
CA GLY A 184 1.56 -17.82 -2.98
C GLY A 184 2.30 -16.51 -3.22
N TYR A 185 1.80 -15.73 -4.17
CA TYR A 185 2.39 -14.43 -4.49
C TYR A 185 1.30 -13.46 -4.87
N ALA A 186 1.54 -12.18 -4.59
CA ALA A 186 0.59 -11.13 -4.94
C ALA A 186 0.61 -10.86 -6.44
N PHE A 187 1.67 -10.22 -6.91
CA PHE A 187 1.85 -9.93 -8.33
C PHE A 187 3.22 -10.43 -8.77
N LYS A 188 3.29 -10.87 -10.02
CA LYS A 188 4.55 -11.31 -10.58
C LYS A 188 5.37 -10.11 -11.06
N TYR A 189 6.68 -10.18 -10.84
CA TYR A 189 7.60 -9.09 -11.15
C TYR A 189 8.50 -9.52 -12.30
N ALA A 190 8.48 -8.75 -13.39
CA ALA A 190 9.28 -9.08 -14.56
C ALA A 190 9.70 -7.79 -15.24
N ALA A 191 11.02 -7.64 -15.45
CA ALA A 191 11.60 -6.50 -16.15
C ALA A 191 11.23 -5.17 -15.47
N GLY A 192 11.29 -5.17 -14.14
CA GLY A 192 11.03 -3.95 -13.40
C GLY A 192 9.61 -3.47 -13.42
N LYS A 193 8.64 -4.35 -13.65
CA LYS A 193 7.24 -3.98 -13.70
C LYS A 193 6.39 -5.11 -13.15
N TYR A 194 5.39 -4.75 -12.33
CA TYR A 194 4.49 -5.73 -11.76
C TYR A 194 3.40 -6.10 -12.76
N ASP A 195 3.18 -7.40 -12.93
CA ASP A 195 2.10 -7.90 -13.80
C ASP A 195 0.86 -8.05 -12.93
N ILE A 196 -0.07 -7.09 -13.05
CA ILE A 196 -1.26 -7.09 -12.19
C ILE A 196 -2.30 -8.13 -12.63
N LYS A 197 -2.08 -8.81 -13.75
CA LYS A 197 -2.95 -9.90 -14.17
C LYS A 197 -2.42 -11.27 -13.76
N ASP A 198 -1.16 -11.35 -13.33
CA ASP A 198 -0.55 -12.60 -12.89
C ASP A 198 -0.58 -12.61 -11.36
N VAL A 199 -1.70 -13.08 -10.82
CA VAL A 199 -1.91 -13.15 -9.38
C VAL A 199 -1.73 -14.58 -8.92
N GLY A 200 -1.28 -14.76 -7.67
CA GLY A 200 -1.04 -16.08 -7.15
C GLY A 200 -1.80 -16.41 -5.88
N VAL A 201 -3.08 -16.04 -5.83
CA VAL A 201 -3.92 -16.47 -4.71
C VAL A 201 -4.61 -17.80 -4.99
N ASP A 202 -4.71 -18.21 -6.24
CA ASP A 202 -5.41 -19.43 -6.60
C ASP A 202 -4.53 -20.67 -6.58
N ASN A 203 -3.21 -20.49 -6.60
CA ASN A 203 -2.32 -21.64 -6.77
C ASN A 203 -2.33 -22.53 -5.53
N ALA A 204 -1.69 -23.70 -5.67
CA ALA A 204 -1.70 -24.69 -4.61
C ALA A 204 -0.93 -24.22 -3.37
N GLY A 205 0.12 -23.44 -3.57
CA GLY A 205 0.86 -22.94 -2.42
C GLY A 205 0.00 -22.07 -1.52
N ALA A 206 -0.77 -21.16 -2.13
CA ALA A 206 -1.69 -20.34 -1.35
C ALA A 206 -2.81 -21.18 -0.75
N LYS A 207 -3.29 -22.18 -1.50
CA LYS A 207 -4.34 -23.06 -0.97
C LYS A 207 -3.83 -23.86 0.21
N ALA A 208 -2.61 -24.40 0.12
CA ALA A 208 -2.06 -25.17 1.23
C ALA A 208 -1.84 -24.30 2.46
N GLY A 209 -1.37 -23.06 2.26
CA GLY A 209 -1.17 -22.17 3.39
C GLY A 209 -2.47 -21.77 4.06
N LEU A 210 -3.46 -21.37 3.26
CA LEU A 210 -4.74 -20.98 3.81
C LEU A 210 -5.49 -22.17 4.41
N THR A 211 -5.31 -23.37 3.84
CA THR A 211 -5.91 -24.55 4.43
C THR A 211 -5.39 -24.79 5.84
N PHE A 212 -4.09 -24.63 6.04
CA PHE A 212 -3.51 -24.82 7.37
C PHE A 212 -4.06 -23.81 8.36
N LEU A 213 -4.27 -22.57 7.90
CA LEU A 213 -4.84 -21.54 8.77
C LEU A 213 -6.27 -21.90 9.17
N VAL A 214 -7.09 -22.30 8.19
CA VAL A 214 -8.46 -22.70 8.48
C VAL A 214 -8.48 -23.99 9.31
N ASP A 215 -7.51 -24.88 9.09
CA ASP A 215 -7.42 -26.09 9.90
C ASP A 215 -7.17 -25.77 11.37
N LEU A 216 -6.36 -24.73 11.63
CA LEU A 216 -6.14 -24.29 13.00
C LEU A 216 -7.44 -23.80 13.62
N ILE A 217 -8.25 -23.08 12.84
CA ILE A 217 -9.53 -22.58 13.35
C ILE A 217 -10.50 -23.74 13.55
N LYS A 218 -10.56 -24.66 12.59
CA LYS A 218 -11.45 -25.81 12.72
C LYS A 218 -11.09 -26.66 13.93
N ASN A 219 -9.79 -26.81 14.20
CA ASN A 219 -9.32 -27.56 15.36
C ASN A 219 -9.43 -26.77 16.67
N LYS A 220 -10.06 -25.60 16.63
CA LYS A 220 -10.32 -24.74 17.79
C LYS A 220 -9.05 -24.13 18.38
N HIS A 221 -7.91 -24.25 17.69
CA HIS A 221 -6.69 -23.64 18.19
C HIS A 221 -6.74 -22.12 18.10
N MET A 222 -7.38 -21.58 17.07
CA MET A 222 -7.60 -20.15 16.94
C MET A 222 -9.07 -19.89 16.69
N ASN A 223 -9.47 -18.64 16.89
CA ASN A 223 -10.85 -18.21 16.69
C ASN A 223 -10.90 -17.25 15.49
N ALA A 224 -11.88 -17.48 14.60
CA ALA A 224 -11.96 -16.69 13.38
C ALA A 224 -12.30 -15.23 13.63
N ASP A 225 -12.83 -14.89 14.80
CA ASP A 225 -13.22 -13.52 15.12
C ASP A 225 -12.08 -12.71 15.72
N THR A 226 -10.89 -13.27 15.85
CA THR A 226 -9.78 -12.57 16.48
C THR A 226 -9.27 -11.47 15.56
N ASP A 227 -9.28 -10.23 16.03
CA ASP A 227 -8.77 -9.09 15.29
C ASP A 227 -7.46 -8.61 15.92
N TYR A 228 -7.08 -7.37 15.62
CA TYR A 228 -5.82 -6.84 16.15
C TYR A 228 -5.92 -6.57 17.65
N SER A 229 -7.02 -5.96 18.10
CA SER A 229 -7.13 -5.59 19.50
C SER A 229 -7.30 -6.82 20.40
N ILE A 230 -8.06 -7.81 19.94
CA ILE A 230 -8.24 -9.03 20.74
C ILE A 230 -6.92 -9.78 20.87
N ALA A 231 -6.14 -9.84 19.78
CA ALA A 231 -4.87 -10.54 19.83
C ALA A 231 -3.85 -9.80 20.68
N GLU A 232 -3.78 -8.47 20.53
CA GLU A 232 -2.84 -7.69 21.33
C GLU A 232 -3.18 -7.76 22.81
N ALA A 233 -4.47 -7.64 23.15
CA ALA A 233 -4.88 -7.72 24.55
C ALA A 233 -4.63 -9.12 25.11
N ALA A 234 -4.68 -10.15 24.27
CA ALA A 234 -4.46 -11.51 24.75
C ALA A 234 -2.99 -11.75 25.08
N PHE A 235 -2.08 -11.26 24.23
CA PHE A 235 -0.66 -11.48 24.47
C PHE A 235 -0.14 -10.56 25.56
N ASN A 236 -0.56 -9.29 25.57
CA ASN A 236 -0.09 -8.34 26.56
C ASN A 236 -0.65 -8.58 27.95
N LYS A 237 -1.55 -9.54 28.11
CA LYS A 237 -2.04 -9.94 29.43
C LYS A 237 -1.56 -11.32 29.83
N GLY A 238 -0.77 -12.00 28.99
CA GLY A 238 -0.26 -13.30 29.33
C GLY A 238 -1.22 -14.44 29.10
N GLU A 239 -2.27 -14.24 28.30
CA GLU A 239 -3.25 -15.28 28.06
C GLU A 239 -2.86 -16.21 26.92
N THR A 240 -2.10 -15.72 25.95
CA THR A 240 -1.59 -16.54 24.86
C THR A 240 -0.06 -16.46 24.83
N ALA A 241 0.56 -17.52 24.34
CA ALA A 241 2.01 -17.62 24.39
C ALA A 241 2.70 -16.95 23.21
N MET A 242 2.00 -16.78 22.08
CA MET A 242 2.61 -16.22 20.88
C MET A 242 1.65 -15.27 20.20
N THR A 243 2.23 -14.39 19.38
CA THR A 243 1.46 -13.50 18.51
C THR A 243 2.33 -13.14 17.32
N ILE A 244 1.71 -12.54 16.31
CA ILE A 244 2.40 -12.12 15.10
C ILE A 244 2.14 -10.63 14.93
N ASN A 245 3.18 -9.81 15.08
CA ASN A 245 3.05 -8.37 14.99
C ASN A 245 4.38 -7.78 14.56
N GLY A 246 4.38 -6.46 14.34
CA GLY A 246 5.57 -5.77 13.92
C GLY A 246 6.16 -4.90 15.01
N PRO A 247 7.22 -4.15 14.68
CA PRO A 247 7.87 -3.31 15.69
C PRO A 247 6.96 -2.24 16.29
N TRP A 248 5.91 -1.84 15.58
CA TRP A 248 5.00 -0.81 16.09
C TRP A 248 4.29 -1.24 17.36
N ALA A 249 4.22 -2.54 17.64
CA ALA A 249 3.53 -3.06 18.81
C ALA A 249 4.47 -3.34 19.97
N TRP A 250 5.77 -3.10 19.82
CA TRP A 250 6.72 -3.43 20.89
C TRP A 250 6.51 -2.55 22.11
N SER A 251 6.16 -1.27 21.90
CA SER A 251 6.03 -0.35 23.02
C SER A 251 4.89 -0.73 23.94
N ASN A 252 3.80 -1.28 23.39
CA ASN A 252 2.68 -1.70 24.24
C ASN A 252 3.06 -2.91 25.10
N ILE A 253 3.92 -3.80 24.58
CA ILE A 253 4.33 -4.96 25.37
C ILE A 253 5.41 -4.57 26.37
N ASP A 254 6.18 -3.52 26.06
CA ASP A 254 7.20 -3.06 27.01
C ASP A 254 6.57 -2.61 28.31
N THR A 255 5.52 -1.78 28.22
CA THR A 255 4.86 -1.28 29.43
C THR A 255 4.09 -2.38 30.15
N SER A 256 3.72 -3.46 29.47
CA SER A 256 3.02 -4.55 30.11
C SER A 256 3.98 -5.41 30.92
N ALA A 257 3.42 -6.33 31.69
CA ALA A 257 4.20 -7.24 32.52
C ALA A 257 4.77 -8.41 31.74
N VAL A 258 4.47 -8.53 30.46
CA VAL A 258 4.90 -9.67 29.66
C VAL A 258 6.36 -9.49 29.27
N ASN A 259 7.18 -10.50 29.57
CA ASN A 259 8.57 -10.53 29.13
C ASN A 259 8.61 -11.28 27.81
N TYR A 260 8.71 -10.54 26.71
CA TYR A 260 8.53 -11.08 25.37
C TYR A 260 9.84 -11.17 24.63
N GLY A 261 9.92 -12.13 23.71
CA GLY A 261 11.03 -12.24 22.78
C GLY A 261 10.54 -12.13 21.36
N VAL A 262 11.44 -11.83 20.43
CA VAL A 262 11.11 -11.67 19.02
C VAL A 262 12.04 -12.56 18.21
N THR A 263 11.47 -13.43 17.38
CA THR A 263 12.24 -14.42 16.65
C THR A 263 11.65 -14.61 15.26
N VAL A 264 12.26 -15.52 14.49
CA VAL A 264 11.84 -15.77 13.12
C VAL A 264 10.45 -16.42 13.12
N LEU A 265 9.66 -16.08 12.10
CA LEU A 265 8.36 -16.70 11.94
C LEU A 265 8.51 -18.20 11.72
N PRO A 266 7.52 -19.00 12.17
CA PRO A 266 7.61 -20.45 11.97
C PRO A 266 7.57 -20.80 10.49
N THR A 267 8.23 -21.91 10.16
CA THR A 267 8.24 -22.39 8.78
C THR A 267 6.99 -23.21 8.50
N PHE A 268 6.65 -23.29 7.20
CA PHE A 268 5.50 -24.07 6.74
C PHE A 268 5.96 -24.96 5.60
N LYS A 269 5.76 -26.27 5.76
CA LYS A 269 6.25 -27.26 4.79
C LYS A 269 7.74 -27.11 4.56
N GLY A 270 8.48 -26.88 5.64
CA GLY A 270 9.92 -26.68 5.56
C GLY A 270 10.36 -25.39 4.90
N GLN A 271 9.42 -24.53 4.49
CA GLN A 271 9.72 -23.28 3.82
C GLN A 271 9.40 -22.09 4.70
N PRO A 272 10.18 -21.01 4.63
CA PRO A 272 9.97 -19.89 5.53
C PRO A 272 8.69 -19.13 5.22
N SER A 273 8.06 -18.60 6.27
CA SER A 273 6.96 -17.67 6.08
C SER A 273 7.49 -16.40 5.42
N LYS A 274 6.67 -15.81 4.56
CA LYS A 274 7.07 -14.69 3.71
C LYS A 274 6.19 -13.47 4.01
N PRO A 275 6.51 -12.72 5.05
CA PRO A 275 5.79 -11.47 5.31
C PRO A 275 6.19 -10.38 4.33
N PHE A 276 5.27 -9.46 4.08
CA PHE A 276 5.56 -8.34 3.21
C PHE A 276 6.40 -7.31 3.94
N VAL A 277 7.43 -6.81 3.25
CA VAL A 277 8.41 -5.90 3.84
C VAL A 277 8.04 -4.47 3.52
N GLY A 278 7.98 -3.62 4.53
CA GLY A 278 7.78 -2.19 4.37
C GLY A 278 9.07 -1.46 4.68
N VAL A 279 9.49 -0.62 3.74
CA VAL A 279 10.76 0.11 3.83
C VAL A 279 10.45 1.59 3.99
N LEU A 280 10.63 2.10 5.21
CA LEU A 280 10.52 3.53 5.44
C LEU A 280 11.52 4.27 4.56
N SER A 281 11.04 5.22 3.78
CA SER A 281 11.84 5.87 2.76
C SER A 281 11.63 7.38 2.79
N ALA A 282 12.65 8.12 2.40
CA ALA A 282 12.63 9.57 2.35
C ALA A 282 12.66 9.99 0.88
N GLY A 283 11.55 10.58 0.42
CA GLY A 283 11.46 11.06 -0.95
C GLY A 283 11.62 12.56 -1.01
N ILE A 284 12.07 13.04 -2.16
CA ILE A 284 12.30 14.47 -2.40
C ILE A 284 11.20 15.00 -3.30
N ASN A 285 10.56 16.08 -2.88
CA ASN A 285 9.47 16.68 -3.65
C ASN A 285 9.97 17.12 -5.01
N ALA A 286 9.20 16.75 -6.06
CA ALA A 286 9.61 17.10 -7.42
C ALA A 286 9.58 18.60 -7.66
N ALA A 287 8.81 19.35 -6.87
CA ALA A 287 8.72 20.80 -7.03
C ALA A 287 9.62 21.56 -6.06
N SER A 288 10.40 20.87 -5.25
CA SER A 288 11.24 21.54 -4.26
C SER A 288 12.39 22.27 -4.96
N PRO A 289 12.66 23.51 -4.57
CA PRO A 289 13.84 24.21 -5.09
C PRO A 289 15.13 23.90 -4.35
N ASN A 290 15.11 22.96 -3.41
CA ASN A 290 16.26 22.63 -2.58
C ASN A 290 16.58 21.15 -2.67
N LYS A 291 16.47 20.57 -3.86
CA LYS A 291 16.72 19.14 -4.03
C LYS A 291 18.16 18.80 -3.69
N GLU A 292 19.10 19.70 -4.00
CA GLU A 292 20.50 19.44 -3.69
C GLU A 292 20.74 19.50 -2.19
N LEU A 293 20.15 20.48 -1.50
CA LEU A 293 20.27 20.55 -0.06
C LEU A 293 19.64 19.33 0.61
N ALA A 294 18.49 18.88 0.08
CA ALA A 294 17.87 17.68 0.62
C ALA A 294 18.73 16.45 0.39
N LYS A 295 19.32 16.34 -0.80
CA LYS A 295 20.24 15.23 -1.08
C LYS A 295 21.44 15.26 -0.14
N GLU A 296 21.99 16.45 0.10
CA GLU A 296 23.13 16.57 1.00
C GLU A 296 22.74 16.22 2.43
N PHE A 297 21.54 16.63 2.87
CA PHE A 297 21.11 16.34 4.23
C PHE A 297 20.89 14.85 4.44
N LEU A 298 20.20 14.20 3.49
CA LEU A 298 19.85 12.79 3.67
C LEU A 298 21.06 11.88 3.58
N GLU A 299 22.00 12.20 2.68
CA GLU A 299 23.15 11.31 2.47
C GLU A 299 24.21 11.51 3.54
N ASN A 300 24.55 12.75 3.86
CA ASN A 300 25.71 13.05 4.69
C ASN A 300 25.36 13.34 6.14
N TYR A 301 24.08 13.43 6.50
CA TYR A 301 23.71 13.74 7.87
C TYR A 301 22.76 12.71 8.46
N LEU A 302 21.67 12.41 7.75
CA LEU A 302 20.70 11.44 8.27
C LEU A 302 21.22 10.01 8.15
N LEU A 303 21.56 9.58 6.93
CA LEU A 303 21.99 8.21 6.69
C LEU A 303 23.44 8.00 7.12
N THR A 304 23.67 8.23 8.40
CA THR A 304 24.93 7.95 9.06
C THR A 304 24.64 7.19 10.35
N ASP A 305 25.69 6.64 10.96
CA ASP A 305 25.52 5.97 12.25
C ASP A 305 25.01 6.94 13.30
N GLU A 306 25.51 8.18 13.29
CA GLU A 306 25.07 9.17 14.26
C GLU A 306 23.67 9.71 13.91
N GLY A 307 23.39 9.86 12.62
CA GLY A 307 22.10 10.37 12.22
C GLY A 307 20.96 9.41 12.52
N LEU A 308 21.16 8.11 12.23
CA LEU A 308 20.12 7.14 12.52
C LEU A 308 19.99 6.87 14.01
N GLU A 309 21.09 6.98 14.76
CA GLU A 309 21.01 6.78 16.20
C GLU A 309 20.16 7.84 16.86
N ALA A 310 20.25 9.09 16.39
CA ALA A 310 19.46 10.16 16.96
C ALA A 310 17.97 9.91 16.76
N VAL A 311 17.58 9.39 15.59
CA VAL A 311 16.18 9.06 15.36
C VAL A 311 15.79 7.82 16.15
N ASN A 312 16.65 6.81 16.17
CA ASN A 312 16.32 5.55 16.85
C ASN A 312 16.22 5.74 18.35
N LYS A 313 17.01 6.66 18.92
CA LYS A 313 16.93 6.92 20.35
C LYS A 313 15.55 7.45 20.74
N ASP A 314 14.97 8.32 19.91
CA ASP A 314 13.64 8.85 20.14
C ASP A 314 12.60 7.75 20.05
N LYS A 315 12.38 7.23 18.85
CA LYS A 315 11.50 6.09 18.63
C LYS A 315 12.26 5.07 17.79
N PRO A 316 12.26 3.79 18.18
CA PRO A 316 13.06 2.81 17.46
C PRO A 316 12.56 2.59 16.04
N LEU A 317 13.51 2.52 15.11
CA LEU A 317 13.21 2.31 13.70
C LEU A 317 13.13 0.84 13.32
N GLY A 318 13.40 -0.06 14.25
CA GLY A 318 13.50 -1.47 13.90
C GLY A 318 14.81 -1.72 13.19
N ALA A 319 14.75 -2.45 12.08
CA ALA A 319 15.92 -2.64 11.25
C ALA A 319 16.12 -1.44 10.33
N VAL A 320 17.37 -1.13 10.03
CA VAL A 320 17.71 0.02 9.19
C VAL A 320 18.39 -0.48 7.93
N ALA A 321 18.34 0.37 6.89
CA ALA A 321 18.96 0.03 5.61
C ALA A 321 20.47 0.26 5.61
N LEU A 322 20.97 1.12 6.50
CA LEU A 322 22.41 1.39 6.55
C LEU A 322 23.14 0.20 7.16
N LYS A 323 24.05 -0.40 6.40
CA LYS A 323 24.72 -1.62 6.84
C LYS A 323 25.48 -1.39 8.14
N SER A 324 26.19 -0.27 8.25
CA SER A 324 27.05 -0.05 9.41
C SER A 324 26.26 0.02 10.71
N TYR A 325 25.13 0.71 10.70
CA TYR A 325 24.32 0.82 11.91
C TYR A 325 23.40 -0.36 12.13
N GLU A 326 23.01 -1.06 11.06
CA GLU A 326 22.22 -2.28 11.24
C GLU A 326 23.03 -3.35 11.96
N GLU A 327 24.30 -3.50 11.59
CA GLU A 327 25.17 -4.45 12.28
C GLU A 327 25.32 -4.10 13.76
N GLU A 328 25.16 -2.82 14.10
CA GLU A 328 25.18 -2.42 15.50
C GLU A 328 23.84 -2.69 16.19
N LEU A 329 22.73 -2.37 15.51
CA LEU A 329 21.41 -2.63 16.07
C LEU A 329 21.08 -4.11 16.14
N ALA A 330 21.73 -4.94 15.32
CA ALA A 330 21.46 -6.36 15.30
C ALA A 330 21.95 -7.08 16.56
N LYS A 331 22.68 -6.38 17.44
CA LYS A 331 23.05 -7.00 18.71
C LYS A 331 21.82 -7.31 19.55
N ASP A 332 20.76 -6.53 19.40
CA ASP A 332 19.48 -6.86 20.01
C ASP A 332 18.79 -7.92 19.15
N PRO A 333 18.52 -9.12 19.68
CA PRO A 333 17.95 -10.18 18.83
C PRO A 333 16.61 -9.84 18.21
N ARG A 334 15.87 -8.89 18.78
CA ARG A 334 14.59 -8.52 18.17
C ARG A 334 14.78 -7.74 16.88
N ILE A 335 15.91 -7.04 16.73
CA ILE A 335 16.21 -6.34 15.48
C ILE A 335 16.73 -7.32 14.45
N ALA A 336 17.55 -8.28 14.86
CA ALA A 336 18.05 -9.30 13.94
C ALA A 336 16.90 -10.16 13.42
N ALA A 337 15.90 -10.42 14.27
CA ALA A 337 14.74 -11.20 13.84
C ALA A 337 13.89 -10.42 12.84
N THR A 338 13.78 -9.11 13.04
CA THR A 338 13.05 -8.27 12.08
C THR A 338 13.73 -8.31 10.71
N MET A 339 15.05 -8.19 10.68
CA MET A 339 15.77 -8.24 9.41
C MET A 339 15.74 -9.63 8.80
N GLU A 340 15.80 -10.68 9.63
CA GLU A 340 15.76 -12.04 9.12
C GLU A 340 14.43 -12.34 8.45
N ASN A 341 13.32 -11.97 9.11
CA ASN A 341 12.01 -12.17 8.50
C ASN A 341 11.82 -11.31 7.26
N ALA A 342 12.45 -10.14 7.22
CA ALA A 342 12.36 -9.30 6.03
C ALA A 342 13.14 -9.90 4.87
N GLN A 343 14.30 -10.52 5.16
CA GLN A 343 15.07 -11.17 4.11
C GLN A 343 14.37 -12.40 3.57
N LYS A 344 13.56 -13.06 4.39
CA LYS A 344 12.82 -14.24 3.95
C LYS A 344 11.47 -13.90 3.34
N GLY A 345 11.01 -12.66 3.48
CA GLY A 345 9.74 -12.23 2.93
C GLY A 345 9.86 -11.65 1.55
N GLU A 346 8.90 -10.78 1.21
CA GLU A 346 8.87 -10.13 -0.09
C GLU A 346 8.64 -8.64 0.10
N ILE A 347 9.25 -7.85 -0.80
CA ILE A 347 9.06 -6.40 -0.77
C ILE A 347 7.62 -6.09 -1.14
N MET A 348 6.99 -5.22 -0.37
CA MET A 348 5.61 -4.81 -0.64
C MET A 348 5.53 -4.13 -2.00
N PRO A 349 4.68 -4.61 -2.91
CA PRO A 349 4.57 -3.96 -4.23
C PRO A 349 4.13 -2.51 -4.10
N ASN A 350 4.89 -1.63 -4.73
CA ASN A 350 4.68 -0.18 -4.63
C ASN A 350 3.75 0.35 -5.70
N ILE A 351 2.66 -0.33 -5.99
CA ILE A 351 1.69 0.15 -6.97
C ILE A 351 0.34 0.36 -6.29
N PRO A 352 -0.43 1.37 -6.69
CA PRO A 352 -1.77 1.55 -6.09
C PRO A 352 -2.71 0.39 -6.35
N GLN A 353 -2.39 -0.50 -7.30
CA GLN A 353 -3.25 -1.64 -7.61
C GLN A 353 -3.24 -2.71 -6.54
N MET A 354 -2.37 -2.58 -5.52
CA MET A 354 -2.39 -3.50 -4.40
C MET A 354 -3.67 -3.39 -3.58
N SER A 355 -4.35 -2.25 -3.63
CA SER A 355 -5.60 -2.09 -2.88
C SER A 355 -6.64 -3.12 -3.31
N ALA A 356 -6.74 -3.36 -4.62
CA ALA A 356 -7.66 -4.39 -5.10
C ALA A 356 -7.22 -5.78 -4.67
N PHE A 357 -5.91 -6.01 -4.60
CA PHE A 357 -5.41 -7.30 -4.12
C PHE A 357 -5.80 -7.53 -2.67
N TRP A 358 -5.53 -6.55 -1.80
CA TRP A 358 -5.85 -6.70 -0.39
C TRP A 358 -7.35 -6.85 -0.17
N TYR A 359 -8.15 -6.08 -0.91
CA TYR A 359 -9.59 -6.14 -0.75
C TYR A 359 -10.12 -7.54 -1.09
N ALA A 360 -9.56 -8.17 -2.13
CA ALA A 360 -10.01 -9.49 -2.53
C ALA A 360 -9.54 -10.55 -1.55
N VAL A 361 -8.26 -10.51 -1.15
CA VAL A 361 -7.73 -11.51 -0.25
C VAL A 361 -8.37 -11.41 1.13
N ARG A 362 -8.72 -10.20 1.57
CA ARG A 362 -9.36 -10.03 2.87
C ARG A 362 -10.69 -10.77 2.93
N THR A 363 -11.53 -10.59 1.91
CA THR A 363 -12.81 -11.29 1.88
C THR A 363 -12.62 -12.79 1.73
N ALA A 364 -11.60 -13.22 1.00
CA ALA A 364 -11.35 -14.65 0.83
C ALA A 364 -10.96 -15.29 2.16
N VAL A 365 -10.11 -14.62 2.94
CA VAL A 365 -9.73 -15.15 4.26
C VAL A 365 -10.93 -15.14 5.20
N ILE A 366 -11.72 -14.07 5.16
CA ILE A 366 -12.86 -13.96 6.06
C ILE A 366 -13.90 -15.04 5.78
N ASN A 367 -14.23 -15.24 4.50
CA ASN A 367 -15.25 -16.21 4.14
C ASN A 367 -14.76 -17.63 4.41
N ALA A 368 -13.48 -17.91 4.17
CA ALA A 368 -12.97 -19.26 4.39
C ALA A 368 -12.88 -19.59 5.87
N ALA A 369 -12.54 -18.60 6.70
CA ALA A 369 -12.39 -18.85 8.13
C ALA A 369 -13.74 -19.07 8.81
N SER A 370 -14.76 -18.32 8.38
CA SER A 370 -16.09 -18.43 8.98
C SER A 370 -16.88 -19.63 8.46
N GLY A 371 -16.43 -20.27 7.39
CA GLY A 371 -17.12 -21.42 6.84
C GLY A 371 -18.14 -21.12 5.77
N ARG A 372 -18.29 -19.86 5.36
CA ARG A 372 -19.22 -19.54 4.28
C ARG A 372 -18.78 -20.14 2.96
N GLN A 373 -17.47 -20.26 2.74
CA GLN A 373 -16.92 -20.81 1.52
C GLN A 373 -15.73 -21.71 1.85
N THR A 374 -15.42 -22.62 0.94
CA THR A 374 -14.22 -23.42 1.08
C THR A 374 -12.99 -22.59 0.76
N VAL A 375 -11.82 -23.14 1.09
CA VAL A 375 -10.56 -22.46 0.76
C VAL A 375 -10.40 -22.36 -0.75
N ASP A 376 -10.81 -23.40 -1.47
CA ASP A 376 -10.67 -23.39 -2.93
C ASP A 376 -11.57 -22.33 -3.56
N GLU A 377 -12.83 -22.24 -3.12
CA GLU A 377 -13.74 -21.27 -3.71
C GLU A 377 -13.37 -19.85 -3.33
N ALA A 378 -12.99 -19.62 -2.07
CA ALA A 378 -12.65 -18.27 -1.62
C ALA A 378 -11.46 -17.72 -2.39
N LEU A 379 -10.46 -18.56 -2.66
CA LEU A 379 -9.28 -18.10 -3.40
C LEU A 379 -9.55 -17.97 -4.89
N LYS A 380 -10.41 -18.82 -5.45
CA LYS A 380 -10.80 -18.65 -6.85
C LYS A 380 -11.59 -17.36 -7.04
N ASP A 381 -12.47 -17.02 -6.09
CA ASP A 381 -13.16 -15.74 -6.14
C ASP A 381 -12.17 -14.59 -6.03
N ALA A 382 -11.09 -14.76 -5.26
CA ALA A 382 -10.09 -13.70 -5.13
C ALA A 382 -9.29 -13.55 -6.42
N GLN A 383 -8.97 -14.67 -7.08
CA GLN A 383 -8.23 -14.60 -8.33
C GLN A 383 -9.02 -13.88 -9.42
N THR A 384 -10.32 -14.19 -9.52
CA THR A 384 -11.15 -13.52 -10.52
C THR A 384 -11.42 -12.07 -10.14
N ALA A 385 -11.51 -11.78 -8.84
CA ALA A 385 -11.72 -10.40 -8.41
C ALA A 385 -10.50 -9.53 -8.75
N ALA A 386 -9.30 -10.08 -8.59
CA ALA A 386 -8.09 -9.34 -8.94
C ALA A 386 -8.00 -9.14 -10.45
N ARG A 387 -8.37 -10.16 -11.23
CA ARG A 387 -8.36 -10.03 -12.68
C ARG A 387 -9.40 -9.02 -13.16
N ALA A 388 -10.57 -9.00 -12.50
CA ALA A 388 -11.60 -8.04 -12.86
C ALA A 388 -11.16 -6.61 -12.56
N ALA A 389 -10.44 -6.41 -11.46
CA ALA A 389 -9.96 -5.07 -11.12
C ALA A 389 -8.99 -4.56 -12.19
N ALA A 390 -8.16 -5.45 -12.74
CA ALA A 390 -7.26 -5.05 -13.81
C ALA A 390 -8.02 -4.71 -15.08
N ASP A 391 -9.11 -5.44 -15.35
CA ASP A 391 -9.90 -5.15 -16.54
C ASP A 391 -10.65 -3.83 -16.41
N ASN A 392 -11.22 -3.56 -15.23
CA ASN A 392 -11.92 -2.30 -15.03
C ASN A 392 -10.95 -1.12 -15.03
N ARG A 393 -9.73 -1.33 -14.51
CA ARG A 393 -8.71 -0.30 -14.61
C ARG A 393 -8.37 0.00 -16.07
N GLU A 394 -8.34 -1.05 -16.90
CA GLU A 394 -8.07 -0.85 -18.32
C GLU A 394 -9.17 -0.01 -18.98
N ILE A 395 -10.43 -0.25 -18.60
CA ILE A 395 -11.53 0.52 -19.17
C ILE A 395 -11.41 1.99 -18.79
N VAL A 396 -11.05 2.26 -17.52
CA VAL A 396 -10.96 3.64 -17.06
C VAL A 396 -9.80 4.36 -17.73
N MET A 397 -8.62 3.74 -17.74
CA MET A 397 -7.42 4.43 -18.22
C MET A 397 -7.46 4.63 -19.73
N LYS A 398 -8.03 3.67 -20.47
CA LYS A 398 -8.18 3.86 -21.91
C LYS A 398 -9.16 4.99 -22.22
N TYR A 399 -10.21 5.14 -21.41
CA TYR A 399 -11.16 6.21 -21.62
C TYR A 399 -10.56 7.57 -21.27
N ILE A 400 -9.86 7.65 -20.14
CA ILE A 400 -9.27 8.92 -19.71
C ILE A 400 -8.19 9.36 -20.68
N HIS A 401 -7.36 8.42 -21.13
CA HIS A 401 -6.32 8.76 -22.10
C HIS A 401 -6.92 9.28 -23.40
N TYR A 402 -8.10 8.77 -23.79
CA TYR A 402 -8.76 9.27 -24.99
C TYR A 402 -9.31 10.67 -24.79
N LYS A 403 -9.90 10.94 -23.62
CA LYS A 403 -10.45 12.26 -23.34
C LYS A 403 -9.35 13.30 -23.25
N LEU A 404 -8.22 12.97 -22.63
CA LEU A 404 -7.12 13.92 -22.50
C LEU A 404 -6.47 14.18 -23.85
N SER A 405 -6.34 13.14 -24.68
CA SER A 405 -5.76 13.32 -26.00
C SER A 405 -6.65 14.16 -26.90
N GLN A 406 -7.97 14.15 -26.64
CA GLN A 406 -8.89 14.99 -27.42
C GLN A 406 -8.59 16.47 -27.21
N ARG A 407 -8.19 16.85 -26.00
CA ARG A 407 -7.83 18.22 -25.69
C ARG A 407 -6.33 18.48 -25.80
N GLY A 408 -5.57 17.52 -26.34
CA GLY A 408 -4.17 17.73 -26.62
C GLY A 408 -3.21 17.41 -25.49
N TYR A 409 -3.66 16.74 -24.44
CA TYR A 409 -2.82 16.40 -23.30
C TYR A 409 -2.51 14.91 -23.32
N GLU A 410 -1.23 14.57 -23.41
CA GLU A 410 -0.80 13.19 -23.29
C GLU A 410 -0.73 12.78 -21.83
N TRP A 411 -1.01 11.50 -21.57
CA TRP A 411 -1.03 10.95 -20.22
C TRP A 411 -0.11 9.74 -20.17
N ASP A 412 0.85 9.76 -19.25
CA ASP A 412 1.87 8.72 -19.22
C ASP A 412 1.29 7.36 -18.83
N ALA A 413 0.35 7.34 -17.89
CA ALA A 413 -0.22 6.08 -17.41
C ALA A 413 -0.97 5.35 -18.51
N THR A 428 -9.14 -3.89 -33.38
CA THR A 428 -10.38 -3.11 -33.36
C THR A 428 -11.56 -3.95 -32.88
N GLU A 429 -11.45 -5.27 -33.05
CA GLU A 429 -12.53 -6.16 -32.63
C GLU A 429 -12.48 -6.42 -31.14
N SER A 430 -11.28 -6.58 -30.57
CA SER A 430 -11.14 -6.72 -29.13
C SER A 430 -11.34 -5.41 -28.38
N GLU A 431 -11.26 -4.28 -29.09
CA GLU A 431 -11.44 -2.96 -28.48
C GLU A 431 -12.85 -2.43 -28.68
N VAL A 432 -13.81 -3.29 -29.03
CA VAL A 432 -15.15 -2.83 -29.38
C VAL A 432 -15.82 -2.16 -28.18
N VAL A 433 -15.55 -2.67 -26.97
CA VAL A 433 -16.14 -2.07 -25.77
C VAL A 433 -15.56 -0.68 -25.53
N HIS A 434 -14.23 -0.54 -25.70
CA HIS A 434 -13.60 0.75 -25.46
C HIS A 434 -13.99 1.78 -26.52
N LEU A 435 -14.12 1.34 -27.76
CA LEU A 435 -14.48 2.28 -28.83
C LEU A 435 -15.94 2.71 -28.72
N THR A 436 -16.82 1.79 -28.34
CA THR A 436 -18.23 2.14 -28.18
C THR A 436 -18.44 3.06 -26.99
N LEU A 437 -17.72 2.83 -25.89
CA LEU A 437 -17.91 3.64 -24.70
C LEU A 437 -17.46 5.08 -24.92
N ARG A 438 -16.34 5.28 -25.61
CA ARG A 438 -15.84 6.64 -25.80
C ARG A 438 -16.67 7.42 -26.81
N GLN A 439 -17.25 6.73 -27.81
CA GLN A 439 -18.15 7.42 -28.72
C GLN A 439 -19.46 7.78 -28.03
N ALA A 440 -19.95 6.91 -27.17
CA ALA A 440 -21.14 7.23 -26.39
C ALA A 440 -20.88 8.42 -25.46
N GLY A 441 -19.67 8.50 -24.89
CA GLY A 441 -19.31 9.65 -24.09
C GLY A 441 -19.22 10.92 -24.92
N ASP A 442 -18.66 10.81 -26.12
CA ASP A 442 -18.61 11.96 -27.02
C ASP A 442 -20.01 12.41 -27.43
N ASP A 443 -20.91 11.45 -27.67
CA ASP A 443 -22.29 11.80 -27.98
C ASP A 443 -22.96 12.50 -26.80
N PHE A 444 -22.69 12.03 -25.58
CA PHE A 444 -23.24 12.68 -24.40
C PHE A 444 -22.69 14.09 -24.23
N SER A 445 -21.39 14.27 -24.45
CA SER A 445 -20.79 15.60 -24.36
C SER A 445 -21.30 16.52 -25.47
N ARG A 446 -21.60 15.97 -26.64
CA ARG A 446 -22.09 16.78 -27.74
C ARG A 446 -23.54 17.21 -27.54
N ARG A 447 -24.37 16.30 -27.02
CA ARG A 447 -25.78 16.61 -26.80
C ARG A 447 -25.94 17.67 -25.71
N TYR A 448 -25.12 17.63 -24.67
CA TYR A 448 -25.18 18.61 -23.61
C TYR A 448 -23.94 19.49 -23.60
N ARG A 449 -23.55 19.99 -24.77
CA ARG A 449 -22.30 20.75 -24.88
C ARG A 449 -22.37 22.04 -24.06
N ARG A 450 -23.48 22.77 -24.17
CA ARG A 450 -23.62 24.01 -23.40
C ARG A 450 -23.65 23.73 -21.91
N ASP A 451 -24.35 22.67 -21.50
CA ASP A 451 -24.41 22.32 -20.08
C ASP A 451 -23.06 21.90 -19.55
N PHE A 452 -22.28 21.17 -20.36
CA PHE A 452 -20.93 20.79 -19.95
C PHE A 452 -20.02 22.00 -19.86
N ALA A 453 -20.18 22.97 -20.76
CA ALA A 453 -19.32 24.16 -20.75
C ALA A 453 -19.54 24.98 -19.49
N GLU A 454 -20.79 25.16 -19.07
CA GLU A 454 -21.05 25.89 -17.84
C GLU A 454 -20.55 25.13 -16.61
N MET A 455 -20.78 23.82 -16.57
CA MET A 455 -20.35 23.04 -15.42
C MET A 455 -18.83 22.99 -15.32
N SER A 456 -18.15 22.76 -16.45
CA SER A 456 -16.69 22.70 -16.43
C SER A 456 -16.07 24.02 -16.02
N SER A 457 -16.74 25.15 -16.33
CA SER A 457 -16.21 26.45 -15.96
C SER A 457 -16.43 26.75 -14.48
N GLN A 458 -17.64 26.50 -13.98
CA GLN A 458 -18.01 26.80 -12.61
C GLN A 458 -17.64 25.69 -11.64
N LEU A 459 -16.87 24.70 -12.08
CA LEU A 459 -16.55 23.56 -11.22
C LEU A 459 -15.62 23.98 -10.09
N HIS A 460 -15.91 23.48 -8.89
CA HIS A 460 -15.09 23.71 -7.71
C HIS A 460 -14.12 22.54 -7.58
N LEU A 461 -12.90 22.72 -8.08
CA LEU A 461 -11.92 21.64 -8.16
C LEU A 461 -10.64 22.06 -7.45
N THR A 462 -10.39 21.44 -6.29
CA THR A 462 -9.14 21.55 -5.56
C THR A 462 -8.67 20.16 -5.19
N PRO A 463 -7.35 19.95 -5.05
CA PRO A 463 -6.87 18.62 -4.61
C PRO A 463 -7.36 18.21 -3.24
N PHE A 464 -7.90 19.13 -2.44
CA PHE A 464 -8.37 18.81 -1.10
C PHE A 464 -9.85 18.42 -1.07
N THR A 465 -10.63 18.80 -2.08
CA THR A 465 -12.04 18.44 -2.14
C THR A 465 -12.40 17.70 -3.42
N ALA A 466 -11.41 17.28 -4.21
CA ALA A 466 -11.69 16.60 -5.48
C ALA A 466 -12.38 15.26 -5.24
N ARG A 467 -11.90 14.49 -4.26
CA ARG A 467 -12.50 13.18 -4.00
C ARG A 467 -13.92 13.32 -3.48
N GLY A 468 -14.14 14.29 -2.58
CA GLY A 468 -15.49 14.52 -2.10
C GLY A 468 -16.42 15.05 -3.17
N ARG A 469 -15.90 15.90 -4.05
CA ARG A 469 -16.70 16.40 -5.17
C ARG A 469 -17.07 15.25 -6.11
N PHE A 470 -16.12 14.35 -6.35
CA PHE A 470 -16.39 13.20 -7.22
C PHE A 470 -17.42 12.27 -6.59
N ALA A 471 -17.23 11.90 -5.32
CA ALA A 471 -18.15 10.96 -4.68
C ALA A 471 -19.55 11.55 -4.54
N THR A 472 -19.66 12.87 -4.41
CA THR A 472 -20.98 13.49 -4.30
C THR A 472 -21.75 13.39 -5.62
N VAL A 473 -21.07 13.68 -6.73
CA VAL A 473 -21.74 13.63 -8.03
C VAL A 473 -22.12 12.21 -8.40
N VAL A 474 -21.24 11.25 -8.11
CA VAL A 474 -21.51 9.86 -8.46
C VAL A 474 -22.70 9.32 -7.65
N GLU A 475 -22.82 9.73 -6.39
CA GLU A 475 -23.98 9.36 -5.59
C GLU A 475 -25.27 9.88 -6.21
N GLU A 476 -25.26 11.13 -6.69
CA GLU A 476 -26.44 11.69 -7.32
C GLU A 476 -26.80 10.95 -8.61
N LEU A 477 -25.78 10.54 -9.37
CA LEU A 477 -26.03 9.90 -10.66
C LEU A 477 -26.72 8.55 -10.49
N PHE A 478 -26.37 7.81 -9.45
CA PHE A 478 -26.88 6.45 -9.25
C PHE A 478 -27.82 6.33 -8.08
N ARG A 479 -28.31 7.45 -7.53
CA ARG A 479 -29.20 7.39 -6.38
C ARG A 479 -30.51 6.69 -6.73
N ASP A 480 -31.11 7.06 -7.85
CA ASP A 480 -32.37 6.47 -8.29
C ASP A 480 -32.18 5.27 -9.20
N GLY A 481 -31.00 4.66 -9.21
CA GLY A 481 -30.79 3.48 -9.99
C GLY A 481 -29.59 3.51 -10.92
N VAL A 482 -29.13 2.34 -11.35
CA VAL A 482 -28.01 2.21 -12.27
C VAL A 482 -28.56 1.78 -13.62
N ASN A 483 -28.18 2.53 -14.66
CA ASN A 483 -28.49 2.16 -16.04
C ASN A 483 -27.30 2.55 -16.91
N TRP A 484 -27.32 2.08 -18.16
CA TRP A 484 -26.18 2.32 -19.04
C TRP A 484 -26.00 3.81 -19.34
N GLY A 485 -27.09 4.58 -19.34
CA GLY A 485 -26.98 6.01 -19.59
C GLY A 485 -26.28 6.73 -18.45
N ARG A 486 -26.58 6.36 -17.20
CA ARG A 486 -25.91 6.96 -16.06
C ARG A 486 -24.46 6.53 -15.98
N ILE A 487 -24.13 5.32 -16.45
CA ILE A 487 -22.74 4.88 -16.46
C ILE A 487 -21.94 5.69 -17.47
N VAL A 488 -22.53 6.01 -18.62
CA VAL A 488 -21.87 6.87 -19.59
C VAL A 488 -21.62 8.25 -18.98
N ALA A 489 -22.61 8.79 -18.27
CA ALA A 489 -22.42 10.07 -17.58
C ALA A 489 -21.36 9.95 -16.49
N PHE A 490 -21.29 8.78 -15.84
CA PHE A 490 -20.27 8.56 -14.82
C PHE A 490 -18.87 8.66 -15.41
N PHE A 491 -18.64 7.99 -16.55
CA PHE A 491 -17.34 8.08 -17.21
C PHE A 491 -17.08 9.50 -17.69
N GLU A 492 -18.09 10.17 -18.23
CA GLU A 492 -17.89 11.49 -18.80
C GLU A 492 -17.55 12.52 -17.74
N PHE A 493 -18.09 12.37 -16.52
CA PHE A 493 -17.76 13.31 -15.45
C PHE A 493 -16.33 13.11 -14.98
N GLY A 494 -15.88 11.86 -14.89
CA GLY A 494 -14.49 11.62 -14.55
C GLY A 494 -13.53 12.18 -15.59
N GLY A 495 -13.92 12.13 -16.86
CA GLY A 495 -13.11 12.75 -17.90
C GLY A 495 -13.10 14.26 -17.81
N VAL A 496 -14.23 14.85 -17.41
CA VAL A 496 -14.28 16.30 -17.24
C VAL A 496 -13.36 16.74 -16.11
N MET A 497 -13.37 16.01 -14.99
CA MET A 497 -12.50 16.37 -13.88
C MET A 497 -11.03 16.21 -14.26
N CYS A 498 -10.71 15.20 -15.06
CA CYS A 498 -9.32 15.02 -15.51
C CYS A 498 -8.90 16.15 -16.44
N VAL A 499 -9.78 16.54 -17.37
CA VAL A 499 -9.46 17.64 -18.28
C VAL A 499 -9.32 18.95 -17.50
N GLU A 500 -10.22 19.19 -16.55
CA GLU A 500 -10.12 20.39 -15.72
C GLU A 500 -8.90 20.35 -14.81
N SER A 501 -8.46 19.15 -14.41
CA SER A 501 -7.27 19.05 -13.58
C SER A 501 -6.03 19.50 -14.36
N VAL A 502 -5.91 19.10 -15.62
CA VAL A 502 -4.77 19.51 -16.42
C VAL A 502 -4.86 20.98 -16.79
N ASN A 503 -6.08 21.48 -17.04
CA ASN A 503 -6.24 22.89 -17.37
C ASN A 503 -5.83 23.77 -16.20
N ARG A 504 -6.15 23.39 -14.97
CA ARG A 504 -5.86 24.18 -13.79
C ARG A 504 -4.53 23.82 -13.15
N GLU A 505 -3.60 23.24 -13.92
CA GLU A 505 -2.23 22.98 -13.47
C GLU A 505 -2.21 22.04 -12.26
N MET A 506 -3.09 21.06 -12.25
CA MET A 506 -3.16 20.03 -11.21
C MET A 506 -3.17 18.65 -11.84
N SER A 507 -2.26 18.43 -12.80
CA SER A 507 -2.25 17.18 -13.54
C SER A 507 -2.01 15.93 -12.69
N PRO A 508 -1.29 15.95 -11.57
CA PRO A 508 -1.23 14.75 -10.72
C PRO A 508 -2.59 14.28 -10.23
N LEU A 509 -3.61 15.15 -10.22
CA LEU A 509 -4.94 14.73 -9.81
C LEU A 509 -5.57 13.73 -10.78
N VAL A 510 -5.10 13.70 -12.03
CA VAL A 510 -5.66 12.78 -13.01
C VAL A 510 -5.47 11.34 -12.58
N ASP A 511 -4.30 11.02 -12.02
CA ASP A 511 -4.03 9.65 -11.59
C ASP A 511 -4.93 9.25 -10.42
N ASN A 512 -5.27 10.19 -9.55
CA ASN A 512 -6.15 9.88 -8.43
C ASN A 512 -7.59 9.73 -8.88
N ILE A 513 -8.02 10.56 -9.84
CA ILE A 513 -9.38 10.43 -10.37
C ILE A 513 -9.55 9.09 -11.06
N ALA A 514 -8.53 8.65 -11.79
CA ALA A 514 -8.61 7.35 -12.46
C ALA A 514 -8.76 6.22 -11.45
N LEU A 515 -8.10 6.33 -10.30
CA LEU A 515 -8.22 5.31 -9.27
C LEU A 515 -9.60 5.34 -8.61
N TRP A 516 -10.16 6.55 -8.42
CA TRP A 516 -11.49 6.66 -7.84
C TRP A 516 -12.54 6.05 -8.76
N MET A 517 -12.43 6.31 -10.06
CA MET A 517 -13.36 5.71 -11.02
C MET A 517 -13.24 4.19 -11.04
N THR A 518 -12.01 3.68 -10.98
CA THR A 518 -11.81 2.24 -10.98
C THR A 518 -12.36 1.60 -9.71
N GLU A 519 -12.18 2.25 -8.55
CA GLU A 519 -12.66 1.68 -7.30
C GLU A 519 -14.19 1.65 -7.27
N TYR A 520 -14.85 2.69 -7.77
CA TYR A 520 -16.30 2.66 -7.82
C TYR A 520 -16.81 1.62 -8.81
N LEU A 521 -16.07 1.39 -9.89
CA LEU A 521 -16.44 0.35 -10.85
C LEU A 521 -16.35 -1.03 -10.20
N ASN A 522 -15.26 -1.29 -9.47
CA ASN A 522 -15.07 -2.62 -8.88
C ASN A 522 -16.06 -2.88 -7.75
N ARG A 523 -16.34 -1.85 -6.94
CA ARG A 523 -17.10 -2.06 -5.71
C ARG A 523 -18.61 -1.99 -5.91
N HIS A 524 -19.09 -1.13 -6.79
CA HIS A 524 -20.51 -0.85 -6.87
C HIS A 524 -21.14 -1.13 -8.23
N LEU A 525 -20.46 -0.78 -9.32
CA LEU A 525 -21.06 -0.94 -10.63
C LEU A 525 -20.86 -2.34 -11.21
N HIS A 526 -19.86 -3.07 -10.72
CA HIS A 526 -19.50 -4.34 -11.35
C HIS A 526 -20.63 -5.35 -11.28
N THR A 527 -21.30 -5.44 -10.13
CA THR A 527 -22.37 -6.43 -9.97
C THR A 527 -23.54 -6.14 -10.90
N TRP A 528 -23.93 -4.86 -11.03
CA TRP A 528 -25.00 -4.51 -11.95
C TRP A 528 -24.63 -4.84 -13.39
N ILE A 529 -23.39 -4.53 -13.79
CA ILE A 529 -22.94 -4.83 -15.14
C ILE A 529 -23.01 -6.32 -15.41
N GLN A 530 -22.56 -7.13 -14.45
CA GLN A 530 -22.61 -8.59 -14.61
C GLN A 530 -24.05 -9.08 -14.75
N ASP A 531 -24.93 -8.60 -13.88
CA ASP A 531 -26.32 -9.03 -13.85
C ASP A 531 -27.15 -8.47 -15.01
N ASN A 532 -26.59 -7.58 -15.83
CA ASN A 532 -27.32 -6.98 -16.94
C ASN A 532 -26.65 -7.26 -18.28
N GLY A 533 -25.97 -8.40 -18.39
CA GLY A 533 -25.40 -8.82 -19.64
C GLY A 533 -23.97 -8.41 -19.90
N GLY A 534 -23.29 -7.81 -18.93
CA GLY A 534 -21.92 -7.39 -19.12
C GLY A 534 -21.80 -6.24 -20.10
N TRP A 535 -20.55 -5.91 -20.41
CA TRP A 535 -20.27 -4.86 -21.38
C TRP A 535 -20.67 -5.25 -22.79
N ASP A 536 -20.80 -6.55 -23.07
CA ASP A 536 -21.34 -6.97 -24.36
C ASP A 536 -22.75 -6.46 -24.57
N ALA A 537 -23.54 -6.41 -23.49
CA ALA A 537 -24.89 -5.85 -23.59
C ALA A 537 -24.86 -4.36 -23.85
N PHE A 538 -23.85 -3.66 -23.32
CA PHE A 538 -23.72 -2.23 -23.58
C PHE A 538 -23.45 -1.97 -25.07
N VAL A 539 -22.58 -2.79 -25.68
CA VAL A 539 -22.29 -2.64 -27.10
C VAL A 539 -23.55 -2.90 -27.93
N GLU A 540 -24.35 -3.88 -27.52
CA GLU A 540 -25.54 -4.23 -28.30
C GLU A 540 -26.62 -3.17 -28.20
N LEU A 541 -26.62 -2.38 -27.11
CA LEU A 541 -27.63 -1.33 -26.95
C LEU A 541 -27.22 -0.02 -27.57
N TYR A 542 -25.96 0.39 -27.40
CA TYR A 542 -25.47 1.66 -27.94
C TYR A 542 -24.88 1.52 -29.34
N GLY A 543 -24.40 0.33 -29.69
CA GLY A 543 -23.80 0.08 -30.99
C GLY A 543 -24.63 0.49 -32.19
N PRO A 544 -25.92 0.12 -32.22
CA PRO A 544 -26.76 0.53 -33.36
C PRO A 544 -26.81 2.03 -33.58
N SER A 545 -26.65 2.84 -32.53
CA SER A 545 -26.72 4.28 -32.69
C SER A 545 -25.51 4.83 -33.46
N MET A 546 -24.38 4.13 -33.40
CA MET A 546 -23.12 4.59 -34.00
C MET A 546 -22.97 3.92 -35.36
N ARG A 547 -23.55 4.52 -36.39
CA ARG A 547 -23.45 4.00 -37.75
C ARG A 547 -23.38 5.13 -38.78
C1 F3Q B . -27.46 14.46 -11.29
C2 F3Q B . -28.35 13.26 -11.03
C3 F3Q B . -28.77 12.84 -13.44
C4 F3Q B . -29.40 13.12 -12.10
C5 F3Q B . -27.02 14.53 -12.71
N6 F3Q B . -27.63 13.75 -13.70
C7 F3Q B . -27.04 14.00 -14.93
C8 F3Q B . -26.05 14.93 -14.73
C9 F3Q B . -26.02 15.26 -13.35
C10 F3Q B . -25.15 16.26 -12.64
O11 F3Q B . -25.59 16.85 -11.66
N12 F3Q B . -23.85 16.52 -13.10
C13 F3Q B . -27.49 13.35 -16.19
C14 F3Q B . -27.08 12.04 -16.44
C15 F3Q B . -28.31 14.03 -17.10
C16 F3Q B . -28.34 12.09 -18.49
C17 F3Q B . -27.52 11.43 -17.60
O18 F3Q B . -27.28 10.15 -18.04
C19 F3Q B . -28.09 9.99 -19.20
O20 F3Q B . -28.63 11.27 -19.55
C21 F3Q B . -28.78 15.43 -16.83
N22 F3Q B . -28.04 16.46 -17.29
O23 F3Q B . -29.81 15.61 -16.20
C24 F3Q B . -28.39 17.83 -16.91
C25 F3Q B . -27.21 18.49 -16.19
C26 F3Q B . -26.87 16.30 -18.16
C27 F3Q B . -25.77 17.29 -17.89
C28 F3Q B . -25.92 18.33 -16.96
C29 F3Q B . -24.87 19.22 -16.75
C30 F3Q B . -23.69 19.09 -17.44
C31 F3Q B . -23.53 18.07 -18.36
C32 F3Q B . -24.56 17.17 -18.59
C33 F3Q B . -28.88 18.64 -18.08
C34 F3Q B . -28.75 13.39 -18.27
N35 F3Q B . -30.19 19.31 -17.84
C36 F3Q B . -31.30 18.32 -17.67
C37 F3Q B . -31.57 17.64 -18.99
O38 F3Q B . -31.92 18.57 -19.99
C39 F3Q B . -30.85 19.50 -20.19
C40 F3Q B . -30.54 20.26 -18.93
C41 F3Q B . -23.18 15.72 -14.09
C42 F3Q B . -23.12 17.64 -12.55
C43 F3Q B . -22.85 14.40 -13.79
C44 F3Q B . -22.19 13.62 -14.74
C45 F3Q B . -21.87 14.16 -15.98
C46 F3Q B . -22.20 15.47 -16.27
C47 F3Q B . -22.85 16.25 -15.32
C48 F3Q B . -23.62 18.93 -12.70
C49 F3Q B . -22.96 19.99 -12.11
C50 F3Q B . -21.81 19.78 -11.37
C51 F3Q B . -21.32 18.50 -11.22
C52 F3Q B . -21.97 17.42 -11.82
O53 F3Q B . -21.23 13.39 -16.90
C1 PEG C . 28.46 13.74 10.42
O1 PEG C . 28.39 15.06 9.96
C2 PEG C . 27.60 13.58 11.67
O2 PEG C . 26.27 13.91 11.38
C3 PEG C . 25.54 14.34 12.48
C4 PEG C . 24.32 13.44 12.67
O4 PEG C . 23.60 13.86 13.80
#